data_3E3C
#
_entry.id   3E3C
#
_cell.length_a   43.729
_cell.length_b   66.015
_cell.length_c   83.462
_cell.angle_alpha   90.00
_cell.angle_beta   90.00
_cell.angle_gamma   90.00
#
_symmetry.space_group_name_H-M   'P 21 21 21'
#
loop_
_entity.id
_entity.type
_entity.pdbx_description
1 polymer L0044
2 non-polymer '(2R)-2-HYDROXY-3-(PHOSPHONOOXY)PROPYL HEXANOATE'
3 water water
#
_entity_poly.entity_id   1
_entity_poly.type   'polypeptide(L)'
_entity_poly.pdbx_seq_one_letter_code
;GLVPRGSMIMKDGIYSIIFISNEDSCGEGILIKNGNMITGGDIASVYQGVLSEDEDIILHVHRYNYEIPSVLNIEQDYQL
VIPKKVLSNDNNLTLHCHVRGNEKLFVDVYAKFIEPLV
;
_entity_poly.pdbx_strand_id   A,B
#
# COMPACT_ATOMS: atom_id res chain seq x y z
N GLY A 1 -11.02 23.26 -7.34
CA GLY A 1 -11.56 23.36 -5.97
C GLY A 1 -12.33 22.13 -5.54
N LEU A 2 -12.25 21.80 -4.25
CA LEU A 2 -12.95 20.64 -3.71
C LEU A 2 -14.46 20.88 -3.61
N VAL A 3 -15.24 19.82 -3.79
CA VAL A 3 -16.70 19.90 -3.72
C VAL A 3 -17.25 18.63 -3.09
N PRO A 4 -18.31 18.75 -2.29
CA PRO A 4 -18.93 17.59 -1.63
C PRO A 4 -19.34 16.54 -2.66
N ARG A 5 -18.83 15.32 -2.50
CA ARG A 5 -19.14 14.24 -3.43
C ARG A 5 -19.14 12.91 -2.69
N GLY A 6 -19.78 11.91 -3.28
CA GLY A 6 -19.83 10.60 -2.67
C GLY A 6 -18.45 9.97 -2.80
N SER A 7 -17.87 9.58 -1.67
CA SER A 7 -16.56 8.97 -1.65
C SER A 7 -16.47 7.82 -2.66
N MET A 8 -17.62 7.29 -3.04
CA MET A 8 -17.68 6.18 -3.97
C MET A 8 -17.48 6.63 -5.42
N ILE A 9 -17.27 7.92 -5.61
CA ILE A 9 -17.05 8.46 -6.95
C ILE A 9 -15.56 8.42 -7.30
N MET A 10 -14.73 8.20 -6.27
CA MET A 10 -13.29 8.13 -6.42
C MET A 10 -12.89 7.26 -7.63
N LYS A 11 -11.94 7.75 -8.42
CA LYS A 11 -11.46 7.01 -9.57
C LYS A 11 -10.68 5.82 -9.01
N ASP A 12 -10.64 4.72 -9.75
CA ASP A 12 -9.87 3.57 -9.29
C ASP A 12 -8.40 3.90 -9.45
N GLY A 13 -7.57 3.34 -8.59
CA GLY A 13 -6.15 3.60 -8.69
C GLY A 13 -5.44 3.61 -7.36
N ILE A 14 -4.20 4.11 -7.38
CA ILE A 14 -3.38 4.17 -6.19
C ILE A 14 -3.31 5.61 -5.72
N TYR A 15 -3.51 5.81 -4.43
CA TYR A 15 -3.47 7.14 -3.85
C TYR A 15 -2.39 7.33 -2.80
N SER A 16 -1.92 8.56 -2.66
CA SER A 16 -0.92 8.90 -1.67
C SER A 16 -1.78 9.46 -0.53
N ILE A 17 -1.40 9.20 0.71
CA ILE A 17 -2.22 9.70 1.80
C ILE A 17 -1.45 10.25 2.99
N ILE A 18 -1.95 11.35 3.54
CA ILE A 18 -1.37 12.01 4.69
C ILE A 18 -2.49 12.28 5.70
N PHE A 19 -2.23 12.02 6.97
CA PHE A 19 -3.25 12.22 7.99
C PHE A 19 -2.72 12.69 9.33
N ILE A 20 -3.61 13.28 10.11
CA ILE A 20 -3.27 13.78 11.44
C ILE A 20 -4.42 13.44 12.37
N SER A 21 -4.09 12.92 13.54
CA SER A 21 -5.10 12.52 14.51
C SER A 21 -5.44 13.63 15.49
N ASN A 22 -6.37 13.35 16.39
CA ASN A 22 -6.75 14.32 17.41
C ASN A 22 -5.60 14.45 18.42
N GLU A 23 -4.73 13.45 18.45
CA GLU A 23 -3.57 13.46 19.35
C GLU A 23 -2.49 14.34 18.74
N ASP A 24 -2.78 14.89 17.57
CA ASP A 24 -1.86 15.77 16.86
C ASP A 24 -0.67 15.02 16.27
N SER A 25 -0.84 13.74 15.95
CA SER A 25 0.23 12.95 15.36
C SER A 25 -0.02 12.79 13.88
N CYS A 26 1.06 12.77 13.08
CA CYS A 26 0.93 12.63 11.64
C CYS A 26 1.40 11.28 11.15
N GLY A 27 0.95 10.92 9.95
CA GLY A 27 1.31 9.65 9.34
C GLY A 27 1.08 9.76 7.85
N GLU A 28 1.81 8.95 7.08
CA GLU A 28 1.68 8.94 5.63
C GLU A 28 1.54 7.49 5.20
N GLY A 29 0.93 7.26 4.04
CA GLY A 29 0.78 5.90 3.56
C GLY A 29 0.20 5.81 2.17
N ILE A 30 -0.11 4.59 1.75
CA ILE A 30 -0.66 4.37 0.44
C ILE A 30 -2.05 3.78 0.54
N LEU A 31 -2.90 4.12 -0.43
CA LEU A 31 -4.27 3.63 -0.45
C LEU A 31 -4.66 3.19 -1.86
N ILE A 32 -5.24 2.00 -1.96
CA ILE A 32 -5.67 1.48 -3.25
C ILE A 32 -7.19 1.28 -3.30
N LYS A 33 -7.80 1.67 -4.41
CA LYS A 33 -9.23 1.53 -4.60
C LYS A 33 -9.49 0.76 -5.88
N ASN A 34 -10.23 -0.34 -5.78
CA ASN A 34 -10.55 -1.14 -6.95
C ASN A 34 -12.02 -0.91 -7.28
N GLY A 35 -12.87 -1.87 -6.96
CA GLY A 35 -14.28 -1.67 -7.22
C GLY A 35 -14.76 -0.83 -6.06
N ASN A 36 -15.24 -1.51 -5.03
CA ASN A 36 -15.69 -0.83 -3.82
C ASN A 36 -14.62 -1.17 -2.77
N MET A 37 -13.68 -2.03 -3.18
CA MET A 37 -12.60 -2.45 -2.29
C MET A 37 -11.55 -1.38 -2.04
N ILE A 38 -11.23 -1.18 -0.77
CA ILE A 38 -10.23 -0.22 -0.37
C ILE A 38 -9.22 -0.89 0.55
N THR A 39 -7.97 -0.90 0.10
CA THR A 39 -6.89 -1.50 0.85
C THR A 39 -5.72 -0.53 0.86
N GLY A 40 -4.99 -0.49 1.97
CA GLY A 40 -3.85 0.40 2.07
C GLY A 40 -3.04 0.08 3.29
N GLY A 41 -2.15 1.00 3.67
CA GLY A 41 -1.34 0.79 4.84
C GLY A 41 -0.12 1.68 4.89
N ASP A 42 0.55 1.69 6.04
CA ASP A 42 1.74 2.48 6.23
C ASP A 42 2.81 1.60 6.86
N ILE A 43 3.83 2.20 7.45
CA ILE A 43 4.90 1.40 8.05
C ILE A 43 4.49 0.64 9.31
N ALA A 44 3.35 0.98 9.91
CA ALA A 44 2.93 0.30 11.12
C ALA A 44 1.56 -0.39 11.07
N SER A 45 0.69 0.05 10.17
CA SER A 45 -0.63 -0.56 10.08
C SER A 45 -1.13 -0.67 8.65
N VAL A 46 -2.11 -1.54 8.44
CA VAL A 46 -2.71 -1.74 7.13
C VAL A 46 -4.22 -1.60 7.28
N TYR A 47 -4.91 -1.31 6.19
CA TYR A 47 -6.34 -1.16 6.28
C TYR A 47 -7.15 -1.58 5.06
N GLN A 48 -8.29 -2.19 5.35
CA GLN A 48 -9.21 -2.68 4.32
C GLN A 48 -10.62 -2.25 4.64
N GLY A 49 -11.43 -2.09 3.59
CA GLY A 49 -12.81 -1.69 3.77
C GLY A 49 -13.53 -1.66 2.43
N VAL A 50 -14.85 -1.78 2.47
CA VAL A 50 -15.63 -1.78 1.24
C VAL A 50 -16.58 -0.59 1.20
N LEU A 51 -16.42 0.25 0.18
CA LEU A 51 -17.28 1.41 0.02
C LEU A 51 -18.74 0.95 0.15
N SER A 52 -19.37 1.35 1.24
CA SER A 52 -20.74 0.97 1.53
C SER A 52 -21.85 1.33 0.57
N GLU A 53 -22.54 2.43 0.85
CA GLU A 53 -23.67 2.89 0.04
C GLU A 53 -24.85 1.98 0.40
N ASP A 54 -25.41 2.24 1.58
CA ASP A 54 -26.54 1.45 2.06
C ASP A 54 -26.16 0.95 3.44
N GLU A 55 -24.94 1.29 3.86
CA GLU A 55 -24.40 0.91 5.15
C GLU A 55 -23.28 1.89 5.50
N ASP A 56 -22.85 1.89 6.75
CA ASP A 56 -21.78 2.75 7.20
C ASP A 56 -20.46 2.16 6.73
N ILE A 57 -19.64 2.96 6.05
CA ILE A 57 -18.36 2.50 5.53
C ILE A 57 -17.36 2.24 6.66
N ILE A 58 -17.12 0.97 6.96
CA ILE A 58 -16.18 0.60 8.01
C ILE A 58 -14.81 0.26 7.43
N LEU A 59 -13.79 0.93 7.96
CA LEU A 59 -12.42 0.71 7.51
C LEU A 59 -11.69 -0.03 8.62
N HIS A 60 -11.38 -1.30 8.37
CA HIS A 60 -10.69 -2.14 9.34
C HIS A 60 -9.19 -1.85 9.38
N VAL A 61 -8.73 -1.36 10.52
CA VAL A 61 -7.32 -1.04 10.70
C VAL A 61 -6.61 -2.10 11.53
N HIS A 62 -5.56 -2.69 10.97
CA HIS A 62 -4.80 -3.71 11.67
C HIS A 62 -3.34 -3.31 11.83
N ARG A 63 -2.93 -3.17 13.08
CA ARG A 63 -1.57 -2.81 13.43
C ARG A 63 -0.68 -4.04 13.23
N TYR A 64 0.36 -3.90 12.41
CA TYR A 64 1.27 -5.02 12.17
C TYR A 64 2.68 -4.76 12.66
N ASN A 65 2.90 -3.59 13.25
CA ASN A 65 4.21 -3.22 13.76
C ASN A 65 4.07 -2.40 15.03
N TYR A 66 4.14 -3.06 16.19
CA TYR A 66 4.00 -2.37 17.45
C TYR A 66 5.27 -1.66 17.93
N GLU A 67 6.35 -1.79 17.17
CA GLU A 67 7.60 -1.13 17.53
C GLU A 67 7.50 0.33 17.11
N ILE A 68 6.44 0.63 16.36
CA ILE A 68 6.19 1.99 15.88
C ILE A 68 4.87 2.48 16.48
N PRO A 69 4.84 3.73 16.96
CA PRO A 69 3.62 4.29 17.55
C PRO A 69 2.46 4.37 16.56
N SER A 70 1.26 4.47 17.12
CA SER A 70 0.04 4.60 16.32
C SER A 70 -0.37 6.05 16.38
N VAL A 71 -0.79 6.60 15.24
CA VAL A 71 -1.22 7.99 15.19
C VAL A 71 -2.34 8.24 16.21
N LEU A 72 -2.99 7.16 16.65
CA LEU A 72 -4.08 7.27 17.63
C LEU A 72 -3.74 6.69 19.01
N ASN A 73 -2.61 6.00 19.11
CA ASN A 73 -2.19 5.40 20.37
C ASN A 73 -3.23 4.42 20.91
N ILE A 74 -3.82 3.62 20.04
CA ILE A 74 -4.83 2.66 20.45
C ILE A 74 -4.19 1.36 20.94
N GLU A 75 -3.04 1.01 20.37
CA GLU A 75 -2.30 -0.20 20.75
C GLU A 75 -3.01 -1.51 20.44
N GLN A 76 -3.83 -1.51 19.40
CA GLN A 76 -4.56 -2.71 19.00
C GLN A 76 -5.38 -2.43 17.75
N ASP A 77 -6.04 -3.46 17.22
CA ASP A 77 -6.87 -3.31 16.03
C ASP A 77 -8.12 -2.51 16.37
N TYR A 78 -8.62 -1.75 15.40
CA TYR A 78 -9.80 -0.95 15.59
C TYR A 78 -10.48 -0.64 14.27
N GLN A 79 -11.60 0.08 14.34
CA GLN A 79 -12.36 0.44 13.15
C GLN A 79 -12.59 1.94 13.00
N LEU A 80 -12.45 2.42 11.76
CA LEU A 80 -12.68 3.81 11.45
C LEU A 80 -13.94 3.91 10.61
N VAL A 81 -14.75 4.92 10.86
CA VAL A 81 -15.98 5.11 10.10
C VAL A 81 -15.68 6.09 8.98
N ILE A 82 -15.84 5.64 7.74
CA ILE A 82 -15.58 6.51 6.60
C ILE A 82 -16.85 7.22 6.15
N PRO A 83 -16.81 8.56 6.11
CA PRO A 83 -17.95 9.39 5.70
C PRO A 83 -18.49 8.99 4.34
N LYS A 84 -19.78 9.21 4.12
CA LYS A 84 -20.40 8.87 2.85
C LYS A 84 -20.05 9.96 1.86
N LYS A 85 -19.91 11.18 2.37
CA LYS A 85 -19.59 12.35 1.56
C LYS A 85 -18.16 12.79 1.82
N VAL A 86 -17.53 13.36 0.78
CA VAL A 86 -16.16 13.83 0.88
C VAL A 86 -15.93 15.03 -0.03
N LEU A 87 -15.04 15.91 0.38
CA LEU A 87 -14.69 17.09 -0.41
C LEU A 87 -13.63 16.61 -1.39
N SER A 88 -13.90 16.70 -2.68
CA SER A 88 -12.91 16.20 -3.63
C SER A 88 -12.94 16.76 -5.04
N ASN A 89 -11.85 16.46 -5.75
CA ASN A 89 -11.65 16.84 -7.14
C ASN A 89 -11.53 15.49 -7.84
N ASP A 90 -10.97 15.51 -9.06
CA ASP A 90 -10.79 14.28 -9.79
C ASP A 90 -9.52 13.60 -9.29
N ASN A 91 -8.65 14.37 -8.64
CA ASN A 91 -7.40 13.83 -8.14
C ASN A 91 -7.10 14.15 -6.67
N ASN A 92 -8.06 14.74 -5.98
CA ASN A 92 -7.85 15.10 -4.59
C ASN A 92 -9.10 14.92 -3.74
N LEU A 93 -8.90 14.72 -2.44
CA LEU A 93 -10.01 14.57 -1.53
C LEU A 93 -9.53 14.57 -0.08
N THR A 94 -10.40 15.00 0.81
CA THR A 94 -10.08 15.02 2.23
C THR A 94 -11.31 14.51 2.96
N LEU A 95 -11.08 13.96 4.14
CA LEU A 95 -12.18 13.44 4.94
C LEU A 95 -11.77 13.33 6.40
N HIS A 96 -12.79 13.34 7.27
CA HIS A 96 -12.60 13.25 8.70
C HIS A 96 -13.15 11.90 9.14
N CYS A 97 -12.26 11.04 9.62
CA CYS A 97 -12.65 9.70 10.06
C CYS A 97 -12.49 9.55 11.56
N HIS A 98 -13.53 9.07 12.24
CA HIS A 98 -13.45 8.89 13.68
C HIS A 98 -13.54 7.40 14.00
N VAL A 99 -12.98 7.00 15.13
CA VAL A 99 -13.02 5.61 15.54
C VAL A 99 -14.46 5.25 15.85
N ARG A 100 -14.91 4.10 15.36
CA ARG A 100 -16.27 3.64 15.58
C ARG A 100 -16.56 3.53 17.08
N GLY A 101 -17.54 4.29 17.55
CA GLY A 101 -17.90 4.25 18.96
C GLY A 101 -17.25 5.32 19.81
N ASN A 102 -16.51 6.23 19.18
CA ASN A 102 -15.84 7.30 19.91
C ASN A 102 -15.42 8.38 18.93
N GLU A 103 -16.29 9.36 18.72
CA GLU A 103 -16.01 10.44 17.80
C GLU A 103 -14.92 11.40 18.27
N LYS A 104 -14.41 11.18 19.47
CA LYS A 104 -13.35 12.02 20.00
C LYS A 104 -12.00 11.54 19.46
N LEU A 105 -11.99 10.32 18.94
CA LEU A 105 -10.80 9.71 18.35
C LEU A 105 -10.94 9.77 16.84
N PHE A 106 -10.11 10.57 16.18
CA PHE A 106 -10.22 10.69 14.74
C PHE A 106 -8.92 11.08 14.04
N VAL A 107 -9.00 11.08 12.71
CA VAL A 107 -7.87 11.46 11.87
C VAL A 107 -8.45 12.22 10.68
N ASP A 108 -7.74 13.25 10.26
CA ASP A 108 -8.15 14.03 9.11
C ASP A 108 -7.22 13.57 8.00
N VAL A 109 -7.80 13.11 6.91
CA VAL A 109 -7.04 12.56 5.80
C VAL A 109 -7.08 13.34 4.49
N TYR A 110 -5.91 13.47 3.87
CA TYR A 110 -5.79 14.12 2.58
C TYR A 110 -5.29 13.04 1.62
N ALA A 111 -6.03 12.81 0.55
CA ALA A 111 -5.63 11.80 -0.41
C ALA A 111 -5.38 12.40 -1.79
N LYS A 112 -4.25 12.01 -2.38
CA LYS A 112 -3.87 12.50 -3.70
C LYS A 112 -3.71 11.33 -4.69
N PHE A 113 -4.42 11.43 -5.81
CA PHE A 113 -4.38 10.41 -6.84
C PHE A 113 -2.98 10.31 -7.45
N ILE A 114 -2.48 9.09 -7.60
CA ILE A 114 -1.15 8.93 -8.17
C ILE A 114 -1.19 8.32 -9.57
N GLU A 115 -1.96 7.25 -9.74
CA GLU A 115 -2.09 6.59 -11.04
C GLU A 115 -3.18 5.54 -11.01
N PRO A 116 -3.74 5.22 -12.19
CA PRO A 116 -4.79 4.21 -12.26
C PRO A 116 -4.23 2.80 -12.18
N LEU A 117 -5.12 1.82 -12.03
CA LEU A 117 -4.71 0.44 -11.95
C LEU A 117 -4.34 -0.05 -13.35
N VAL A 118 -3.53 -1.11 -13.42
CA VAL A 118 -3.11 -1.66 -14.70
C VAL A 118 -4.23 -2.47 -15.34
N GLY B 1 10.66 -23.19 7.49
CA GLY B 1 11.82 -22.90 6.60
C GLY B 1 11.38 -22.57 5.19
N LEU B 2 12.12 -21.67 4.54
CA LEU B 2 11.81 -21.26 3.18
C LEU B 2 12.14 -22.36 2.18
N VAL B 3 11.35 -22.43 1.10
CA VAL B 3 11.57 -23.41 0.05
C VAL B 3 11.25 -22.80 -1.32
N PRO B 4 12.00 -23.19 -2.36
CA PRO B 4 11.76 -22.65 -3.70
C PRO B 4 10.32 -22.92 -4.14
N ARG B 5 9.62 -21.86 -4.51
CA ARG B 5 8.24 -21.99 -4.95
C ARG B 5 7.90 -20.93 -5.98
N GLY B 6 6.85 -21.16 -6.76
CA GLY B 6 6.45 -20.20 -7.75
C GLY B 6 5.83 -19.01 -7.05
N SER B 7 6.38 -17.82 -7.29
CA SER B 7 5.88 -16.60 -6.66
C SER B 7 4.38 -16.48 -6.81
N MET B 8 3.83 -17.18 -7.79
CA MET B 8 2.39 -17.13 -8.05
C MET B 8 1.60 -17.98 -7.07
N ILE B 9 2.28 -18.61 -6.12
CA ILE B 9 1.62 -19.44 -5.12
C ILE B 9 1.24 -18.59 -3.91
N MET B 10 1.80 -17.38 -3.86
CA MET B 10 1.54 -16.43 -2.78
C MET B 10 0.05 -16.34 -2.46
N LYS B 11 -0.28 -16.37 -1.17
CA LYS B 11 -1.68 -16.24 -0.75
C LYS B 11 -2.09 -14.81 -1.05
N ASP B 12 -3.37 -14.59 -1.34
CA ASP B 12 -3.85 -13.25 -1.59
C ASP B 12 -3.85 -12.52 -0.27
N GLY B 13 -3.66 -11.21 -0.32
CA GLY B 13 -3.65 -10.44 0.90
C GLY B 13 -2.70 -9.25 0.88
N ILE B 14 -2.49 -8.70 2.07
CA ILE B 14 -1.61 -7.55 2.21
C ILE B 14 -0.30 -8.00 2.86
N TYR B 15 0.81 -7.56 2.28
CA TYR B 15 2.11 -7.93 2.81
C TYR B 15 2.94 -6.73 3.25
N SER B 16 3.82 -6.97 4.21
CA SER B 16 4.73 -5.96 4.71
C SER B 16 6.00 -6.24 3.94
N ILE B 17 6.73 -5.21 3.57
CA ILE B 17 7.94 -5.44 2.78
C ILE B 17 9.14 -4.58 3.14
N ILE B 18 10.30 -5.21 3.14
CA ILE B 18 11.56 -4.54 3.46
C ILE B 18 12.56 -4.91 2.36
N PHE B 19 13.33 -3.94 1.90
CA PHE B 19 14.30 -4.22 0.85
C PHE B 19 15.56 -3.39 0.94
N ILE B 20 16.61 -3.90 0.29
CA ILE B 20 17.89 -3.24 0.27
C ILE B 20 18.44 -3.36 -1.15
N SER B 21 18.97 -2.26 -1.67
CA SER B 21 19.50 -2.24 -3.03
C SER B 21 20.99 -2.52 -3.06
N ASN B 22 21.55 -2.52 -4.27
CA ASN B 22 22.97 -2.76 -4.44
C ASN B 22 23.72 -1.52 -3.96
N GLU B 23 23.03 -0.39 -3.87
CA GLU B 23 23.62 0.85 -3.39
C GLU B 23 23.67 0.82 -1.86
N ASP B 24 23.20 -0.28 -1.30
CA ASP B 24 23.17 -0.47 0.13
C ASP B 24 22.15 0.43 0.85
N SER B 25 21.07 0.79 0.16
CA SER B 25 20.03 1.62 0.75
C SER B 25 18.83 0.75 1.11
N CYS B 26 18.14 1.09 2.20
CA CYS B 26 16.98 0.32 2.61
C CYS B 26 15.69 1.08 2.43
N GLY B 27 14.60 0.33 2.38
CA GLY B 27 13.28 0.92 2.22
C GLY B 27 12.25 -0.07 2.73
N GLU B 28 11.09 0.43 3.13
CA GLU B 28 10.01 -0.42 3.63
C GLU B 28 8.74 0.01 2.92
N GLY B 29 7.77 -0.90 2.82
CA GLY B 29 6.54 -0.55 2.16
C GLY B 29 5.47 -1.61 2.26
N ILE B 30 4.37 -1.41 1.54
CA ILE B 30 3.26 -2.34 1.56
C ILE B 30 3.05 -2.94 0.18
N LEU B 31 2.62 -4.20 0.15
CA LEU B 31 2.39 -4.89 -1.11
C LEU B 31 1.08 -5.65 -1.04
N ILE B 32 0.26 -5.49 -2.08
CA ILE B 32 -1.03 -6.18 -2.15
C ILE B 32 -1.09 -7.12 -3.34
N LYS B 33 -1.61 -8.32 -3.11
CA LYS B 33 -1.75 -9.32 -4.17
C LYS B 33 -3.20 -9.76 -4.24
N ASN B 34 -3.79 -9.65 -5.42
CA ASN B 34 -5.17 -10.06 -5.61
C ASN B 34 -5.16 -11.36 -6.43
N GLY B 35 -5.50 -11.26 -7.71
CA GLY B 35 -5.47 -12.47 -8.52
C GLY B 35 -4.00 -12.63 -8.89
N ASN B 36 -3.64 -12.07 -10.03
CA ASN B 36 -2.27 -12.09 -10.49
C ASN B 36 -1.78 -10.65 -10.32
N MET B 37 -2.71 -9.77 -9.94
CA MET B 37 -2.40 -8.36 -9.75
C MET B 37 -1.59 -8.08 -8.51
N ILE B 38 -0.54 -7.28 -8.68
CA ILE B 38 0.33 -6.89 -7.59
C ILE B 38 0.50 -5.39 -7.59
N THR B 39 0.07 -4.76 -6.50
CA THR B 39 0.15 -3.33 -6.35
C THR B 39 0.71 -3.01 -4.97
N GLY B 40 1.51 -1.97 -4.88
CA GLY B 40 2.08 -1.60 -3.60
C GLY B 40 2.74 -0.24 -3.69
N GLY B 41 3.56 0.08 -2.70
CA GLY B 41 4.24 1.35 -2.70
C GLY B 41 4.78 1.73 -1.33
N ASP B 42 5.59 2.78 -1.31
CA ASP B 42 6.18 3.28 -0.09
C ASP B 42 6.00 4.79 -0.06
N ILE B 43 6.75 5.49 0.78
CA ILE B 43 6.60 6.94 0.87
C ILE B 43 7.06 7.72 -0.36
N ALA B 44 7.81 7.08 -1.25
CA ALA B 44 8.31 7.78 -2.44
C ALA B 44 7.90 7.18 -3.78
N SER B 45 7.59 5.89 -3.82
CA SER B 45 7.22 5.26 -5.08
C SER B 45 6.09 4.24 -4.91
N VAL B 46 5.44 3.91 -6.02
CA VAL B 46 4.37 2.93 -6.02
C VAL B 46 4.68 1.92 -7.10
N TYR B 47 4.11 0.72 -7.02
CA TYR B 47 4.40 -0.29 -8.01
C TYR B 47 3.28 -1.26 -8.34
N GLN B 48 3.16 -1.56 -9.62
CA GLN B 48 2.14 -2.49 -10.11
C GLN B 48 2.75 -3.50 -11.05
N GLY B 49 2.14 -4.67 -11.10
CA GLY B 49 2.63 -5.73 -11.97
C GLY B 49 1.70 -6.93 -11.93
N VAL B 50 1.74 -7.74 -12.98
CA VAL B 50 0.89 -8.93 -13.05
C VAL B 50 1.71 -10.20 -13.08
N LEU B 51 1.49 -11.07 -12.09
CA LEU B 51 2.20 -12.34 -12.02
C LEU B 51 2.09 -13.02 -13.37
N SER B 52 3.21 -13.08 -14.06
CA SER B 52 3.27 -13.66 -15.39
C SER B 52 2.88 -15.10 -15.62
N GLU B 53 3.86 -15.99 -15.63
CA GLU B 53 3.64 -17.41 -15.88
C GLU B 53 3.41 -17.57 -17.38
N ASP B 54 4.50 -17.47 -18.14
CA ASP B 54 4.41 -17.57 -19.58
C ASP B 54 5.09 -16.33 -20.15
N GLU B 55 5.53 -15.47 -19.24
CA GLU B 55 6.20 -14.22 -19.58
C GLU B 55 7.03 -13.79 -18.37
N ASP B 56 7.94 -12.84 -18.59
CA ASP B 56 8.77 -12.33 -17.51
C ASP B 56 7.92 -11.38 -16.68
N ILE B 57 7.90 -11.59 -15.36
CA ILE B 57 7.11 -10.73 -14.48
C ILE B 57 7.72 -9.34 -14.36
N ILE B 58 7.09 -8.36 -14.99
CA ILE B 58 7.56 -6.98 -14.94
C ILE B 58 6.81 -6.17 -13.90
N LEU B 59 7.56 -5.57 -12.98
CA LEU B 59 7.00 -4.76 -11.92
C LEU B 59 7.28 -3.30 -12.25
N HIS B 60 6.23 -2.57 -12.61
CA HIS B 60 6.35 -1.15 -12.96
C HIS B 60 6.45 -0.26 -11.73
N VAL B 61 7.60 0.40 -11.59
CA VAL B 61 7.84 1.28 -10.46
C VAL B 61 7.71 2.75 -10.88
N HIS B 62 6.82 3.47 -10.20
CA HIS B 62 6.62 4.88 -10.49
C HIS B 62 6.90 5.75 -9.28
N ARG B 63 7.89 6.61 -9.41
CA ARG B 63 8.29 7.52 -8.35
C ARG B 63 7.27 8.65 -8.30
N TYR B 64 6.68 8.87 -7.13
CA TYR B 64 5.68 9.94 -6.98
C TYR B 64 6.13 11.02 -6.00
N ASN B 65 7.33 10.88 -5.46
CA ASN B 65 7.85 11.86 -4.51
C ASN B 65 9.36 12.00 -4.69
N TYR B 66 9.77 12.99 -5.46
CA TYR B 66 11.19 13.20 -5.71
C TYR B 66 11.92 13.94 -4.60
N GLU B 67 11.20 14.34 -3.57
CA GLU B 67 11.82 15.04 -2.44
C GLU B 67 12.49 13.99 -1.56
N ILE B 68 12.19 12.72 -1.85
CA ILE B 68 12.75 11.61 -1.10
C ILE B 68 13.61 10.76 -2.04
N PRO B 69 14.80 10.34 -1.57
CA PRO B 69 15.70 9.53 -2.39
C PRO B 69 15.09 8.20 -2.81
N SER B 70 15.66 7.60 -3.84
CA SER B 70 15.23 6.30 -4.33
C SER B 70 16.27 5.30 -3.87
N VAL B 71 15.82 4.13 -3.40
CA VAL B 71 16.74 3.12 -2.93
C VAL B 71 17.74 2.77 -4.04
N LEU B 72 17.41 3.10 -5.29
CA LEU B 72 18.28 2.82 -6.42
C LEU B 72 18.91 4.05 -7.05
N ASN B 73 18.44 5.23 -6.65
CA ASN B 73 18.97 6.48 -7.20
C ASN B 73 18.80 6.56 -8.72
N ILE B 74 17.65 6.12 -9.22
CA ILE B 74 17.41 6.15 -10.65
C ILE B 74 16.87 7.52 -11.10
N GLU B 75 16.13 8.18 -10.21
CA GLU B 75 15.57 9.49 -10.48
C GLU B 75 14.51 9.53 -11.60
N GLN B 76 13.80 8.43 -11.78
CA GLN B 76 12.76 8.34 -12.80
C GLN B 76 12.07 6.98 -12.73
N ASP B 77 11.03 6.80 -13.53
CA ASP B 77 10.30 5.53 -13.56
C ASP B 77 11.18 4.46 -14.16
N TYR B 78 10.99 3.23 -13.71
CA TYR B 78 11.76 2.10 -14.23
C TYR B 78 11.02 0.79 -14.02
N GLN B 79 11.63 -0.30 -14.47
CA GLN B 79 11.03 -1.61 -14.34
C GLN B 79 11.91 -2.63 -13.63
N LEU B 80 11.29 -3.43 -12.77
CA LEU B 80 12.00 -4.47 -12.04
C LEU B 80 11.53 -5.82 -12.58
N VAL B 81 12.44 -6.76 -12.72
CA VAL B 81 12.09 -8.08 -13.19
C VAL B 81 11.87 -8.98 -11.99
N ILE B 82 10.66 -9.51 -11.83
CA ILE B 82 10.35 -10.37 -10.70
C ILE B 82 10.59 -11.84 -11.04
N PRO B 83 11.45 -12.51 -10.26
CA PRO B 83 11.77 -13.92 -10.49
C PRO B 83 10.52 -14.79 -10.55
N LYS B 84 10.59 -15.90 -11.28
CA LYS B 84 9.45 -16.81 -11.39
C LYS B 84 9.42 -17.67 -10.13
N LYS B 85 10.60 -17.93 -9.58
CA LYS B 85 10.74 -18.74 -8.37
C LYS B 85 11.14 -17.87 -7.19
N VAL B 86 10.68 -18.26 -6.00
CA VAL B 86 10.98 -17.53 -4.77
C VAL B 86 11.09 -18.47 -3.58
N LEU B 87 11.90 -18.09 -2.61
CA LEU B 87 12.06 -18.88 -1.40
C LEU B 87 10.94 -18.41 -0.48
N SER B 88 10.04 -19.32 -0.10
CA SER B 88 8.93 -18.89 0.75
C SER B 88 8.24 -19.93 1.62
N ASN B 89 7.45 -19.41 2.55
CA ASN B 89 6.63 -20.19 3.47
C ASN B 89 5.22 -19.79 3.11
N ASP B 90 4.29 -20.04 4.03
CA ASP B 90 2.91 -19.68 3.79
C ASP B 90 2.75 -18.20 4.14
N ASN B 91 3.68 -17.68 4.93
CA ASN B 91 3.61 -16.28 5.35
C ASN B 91 4.89 -15.48 5.14
N ASN B 92 5.87 -16.06 4.47
CA ASN B 92 7.13 -15.37 4.24
C ASN B 92 7.72 -15.69 2.88
N LEU B 93 8.54 -14.78 2.37
CA LEU B 93 9.21 -14.98 1.10
C LEU B 93 10.26 -13.91 0.87
N THR B 94 11.27 -14.25 0.10
CA THR B 94 12.32 -13.31 -0.24
C THR B 94 12.62 -13.49 -1.71
N LEU B 95 13.13 -12.44 -2.34
CA LEU B 95 13.46 -12.50 -3.75
C LEU B 95 14.46 -11.41 -4.13
N HIS B 96 15.17 -11.65 -5.21
CA HIS B 96 16.17 -10.72 -5.71
C HIS B 96 15.64 -10.18 -7.03
N CYS B 97 15.37 -8.88 -7.06
CA CYS B 97 14.84 -8.22 -8.26
C CYS B 97 15.86 -7.25 -8.83
N HIS B 98 16.12 -7.35 -10.13
CA HIS B 98 17.05 -6.45 -10.76
C HIS B 98 16.32 -5.57 -11.76
N VAL B 99 16.88 -4.39 -12.04
CA VAL B 99 16.27 -3.49 -13.00
C VAL B 99 16.36 -4.15 -14.38
N ARG B 100 15.27 -4.10 -15.12
CA ARG B 100 15.23 -4.67 -16.46
C ARG B 100 16.29 -4.04 -17.35
N GLY B 101 17.24 -4.85 -17.83
CA GLY B 101 18.27 -4.33 -18.71
C GLY B 101 19.57 -3.99 -18.01
N ASN B 102 19.64 -4.28 -16.71
CA ASN B 102 20.84 -4.01 -15.93
C ASN B 102 20.80 -4.80 -14.63
N GLU B 103 21.36 -6.00 -14.65
CA GLU B 103 21.35 -6.86 -13.47
C GLU B 103 22.26 -6.36 -12.35
N LYS B 104 22.98 -5.26 -12.59
CA LYS B 104 23.87 -4.71 -11.57
C LYS B 104 23.05 -3.84 -10.63
N LEU B 105 21.85 -3.45 -11.08
CA LEU B 105 20.93 -2.63 -10.29
C LEU B 105 19.84 -3.55 -9.75
N PHE B 106 19.82 -3.73 -8.45
CA PHE B 106 18.83 -4.62 -7.85
C PHE B 106 18.46 -4.31 -6.41
N VAL B 107 17.48 -5.06 -5.92
CA VAL B 107 17.03 -4.94 -4.55
C VAL B 107 16.68 -6.34 -4.06
N ASP B 108 17.01 -6.62 -2.80
CA ASP B 108 16.68 -7.90 -2.20
C ASP B 108 15.49 -7.60 -1.31
N VAL B 109 14.40 -8.32 -1.54
CA VAL B 109 13.16 -8.10 -0.82
C VAL B 109 12.71 -9.22 0.12
N TYR B 110 12.24 -8.81 1.29
CA TYR B 110 11.69 -9.75 2.27
C TYR B 110 10.24 -9.35 2.44
N ALA B 111 9.34 -10.28 2.22
CA ALA B 111 7.91 -9.99 2.33
C ALA B 111 7.26 -10.85 3.42
N LYS B 112 6.47 -10.19 4.28
CA LYS B 112 5.78 -10.87 5.35
C LYS B 112 4.27 -10.69 5.23
N PHE B 113 3.56 -11.79 5.24
CA PHE B 113 2.09 -11.78 5.13
C PHE B 113 1.49 -11.11 6.35
N ILE B 114 0.54 -10.21 6.13
CA ILE B 114 -0.10 -9.52 7.23
C ILE B 114 -1.54 -9.97 7.44
N GLU B 115 -2.32 -10.02 6.37
CA GLU B 115 -3.71 -10.44 6.46
C GLU B 115 -4.32 -10.63 5.07
N PRO B 116 -5.36 -11.46 4.97
CA PRO B 116 -6.01 -11.70 3.69
C PRO B 116 -6.90 -10.53 3.29
N LEU B 117 -7.39 -10.56 2.06
CA LEU B 117 -8.28 -9.52 1.57
C LEU B 117 -9.67 -9.74 2.15
N VAL B 118 -10.48 -8.68 2.18
CA VAL B 118 -11.84 -8.77 2.72
C VAL B 118 -12.78 -9.46 1.72
#